data_5V34
#
_entry.id   5V34
#
_cell.length_a   87.360
_cell.length_b   87.360
_cell.length_c   104.300
_cell.angle_alpha   90.000
_cell.angle_beta   90.000
_cell.angle_gamma   120.000
#
_symmetry.space_group_name_H-M   'P 32 2 1'
#
loop_
_entity.id
_entity.type
_entity.pdbx_description
1 polymer '2-oxoglutarate-dependent ethylene/succinate-forming enzyme'
2 non-polymer ARGININE
3 non-polymer 'MANGANESE (II) ION'
4 non-polymer D-MALATE
5 water water
#
_entity_poly.entity_id   1
_entity_poly.type   'polypeptide(L)'
_entity_poly.pdbx_seq_one_letter_code
;SHMTNLQTFELPTEVTGCAADISLGRALIQAWQKDGIFQIKTDSEQDRKTQEAMAASKQFCKEPLTFKSSCVSDLTYSGY
VASGEEVTAGKPDFPEIFTVCKDLSVGDQRVKAGWPCHGPVPWPNNTYQKSMKTFMEELGLAGERLLKLTALGFELPINT
FTDLTRDGWHHMRVLRFPPQTSTLSRGIGAHTDYGLLVIAAQDDVGGLYIRPPVEGEKRNRNWLPGESSAGMFEHDEPWT
FVTPTPGVWTVFPGDILQFMTGGQLLSTPHKVKLNTRERFACAYFHEPNFEASAYPLFEPSANERIHYGEHFTNMFMRCY
PDRITTQRINKENRLAHLEDLKKYSDTRATGS
;
_entity_poly.pdbx_strand_id   A
#
# COMPACT_ATOMS: atom_id res chain seq x y z
N HIS A 2 19.73 -0.96 17.73
CA HIS A 2 19.95 -1.02 16.26
C HIS A 2 20.22 0.37 15.69
N MET A 3 21.26 0.48 14.85
CA MET A 3 21.55 1.75 14.15
C MET A 3 20.49 1.99 13.10
N THR A 4 19.57 2.88 13.39
CA THR A 4 18.45 3.15 12.50
C THR A 4 18.51 4.60 12.04
N ASN A 5 17.70 4.94 11.04
CA ASN A 5 17.65 6.28 10.47
C ASN A 5 16.28 6.92 10.63
N LEU A 6 15.35 6.25 11.32
CA LEU A 6 13.99 6.75 11.48
C LEU A 6 13.60 6.74 12.96
N GLN A 7 12.54 7.48 13.28
CA GLN A 7 11.94 7.40 14.60
C GLN A 7 11.12 6.12 14.74
N THR A 8 11.11 5.55 15.95
CA THR A 8 10.43 4.29 16.23
C THR A 8 9.50 4.46 17.43
N PHE A 9 8.24 4.05 17.26
CA PHE A 9 7.21 4.13 18.28
C PHE A 9 6.61 2.75 18.52
N GLU A 10 6.22 2.50 19.75
CA GLU A 10 5.44 1.33 20.10
C GLU A 10 3.97 1.73 20.18
N LEU A 11 3.10 0.94 19.59
CA LEU A 11 1.67 1.19 19.67
C LEU A 11 1.04 0.42 20.83
N PRO A 12 0.08 1.01 21.52
CA PRO A 12 -0.71 0.23 22.49
C PRO A 12 -1.59 -0.77 21.74
N THR A 13 -1.88 -1.88 22.41
CA THR A 13 -2.74 -2.87 21.77
C THR A 13 -4.13 -2.29 21.48
N GLU A 14 -4.70 -1.56 22.43
CA GLU A 14 -6.00 -0.91 22.26
C GLU A 14 -5.80 0.60 22.33
N VAL A 15 -6.44 1.32 21.43
CA VAL A 15 -6.45 2.79 21.46
C VAL A 15 -7.82 3.20 21.97
N THR A 16 -7.85 3.77 23.19
CA THR A 16 -9.09 4.12 23.87
C THR A 16 -9.43 5.60 23.81
N GLY A 17 -8.48 6.46 23.47
CA GLY A 17 -8.68 7.89 23.55
C GLY A 17 -8.20 8.55 24.82
N CYS A 18 -7.43 7.83 25.64
CA CYS A 18 -6.84 8.41 26.83
C CYS A 18 -5.77 9.43 26.45
N ALA A 19 -5.25 10.12 27.47
CA ALA A 19 -4.28 11.18 27.21
C ALA A 19 -3.03 10.64 26.54
N ALA A 20 -2.60 9.42 26.90
CA ALA A 20 -1.40 8.84 26.30
C ALA A 20 -1.61 8.57 24.83
N ASP A 21 -2.80 8.13 24.45
CA ASP A 21 -3.11 7.89 23.05
C ASP A 21 -3.07 9.18 22.26
N ILE A 22 -3.67 10.26 22.82
CA ILE A 22 -3.68 11.54 22.13
C ILE A 22 -2.25 12.03 21.93
N SER A 23 -1.43 11.94 22.98
CA SER A 23 -0.02 12.31 22.86
C SER A 23 0.67 11.53 21.75
N LEU A 24 0.46 10.21 21.71
CA LEU A 24 1.10 9.40 20.69
C LEU A 24 0.66 9.83 19.30
N GLY A 25 -0.64 10.09 19.12
CA GLY A 25 -1.12 10.60 17.85
C GLY A 25 -0.46 11.90 17.42
N ARG A 26 -0.27 12.84 18.36
CA ARG A 26 0.46 14.07 18.04
C ARG A 26 1.87 13.74 17.54
N ALA A 27 2.53 12.78 18.18
CA ALA A 27 3.91 12.46 17.83
C ALA A 27 3.99 11.78 16.45
N LEU A 28 3.00 10.96 16.12
CA LEU A 28 3.01 10.29 14.82
C LEU A 28 2.78 11.30 13.71
N ILE A 29 1.84 12.23 13.91
CA ILE A 29 1.58 13.27 12.93
C ILE A 29 2.85 14.12 12.72
N GLN A 30 3.49 14.51 13.82
N GLN A 30 3.49 14.51 13.83
CA GLN A 30 4.70 15.30 13.71
CA GLN A 30 4.71 15.30 13.74
C GLN A 30 5.79 14.57 12.95
C GLN A 30 5.79 14.56 12.96
N ALA A 31 5.97 13.27 13.23
CA ALA A 31 6.99 12.50 12.53
C ALA A 31 6.70 12.43 11.03
N TRP A 32 5.43 12.23 10.66
CA TRP A 32 5.08 12.26 9.24
C TRP A 32 5.35 13.63 8.63
N GLN A 33 5.04 14.69 9.38
CA GLN A 33 5.19 16.05 8.83
C GLN A 33 6.65 16.44 8.65
N LYS A 34 7.54 15.88 9.45
CA LYS A 34 8.95 16.19 9.34
C LYS A 34 9.72 15.20 8.48
N ASP A 35 9.45 13.91 8.65
CA ASP A 35 10.25 12.86 8.04
C ASP A 35 9.53 12.14 6.91
N GLY A 36 8.20 12.23 6.85
CA GLY A 36 7.43 11.50 5.86
C GLY A 36 7.18 10.03 6.18
N ILE A 37 7.65 9.55 7.34
CA ILE A 37 7.64 8.13 7.65
C ILE A 37 8.04 7.99 9.11
N PHE A 38 7.64 6.89 9.72
CA PHE A 38 8.23 6.44 10.97
C PHE A 38 8.16 4.92 11.02
N GLN A 39 8.81 4.36 12.03
CA GLN A 39 8.79 2.92 12.28
C GLN A 39 7.91 2.63 13.49
N ILE A 40 7.25 1.46 13.46
CA ILE A 40 6.58 0.95 14.64
C ILE A 40 7.25 -0.36 15.06
N LYS A 41 7.46 -0.51 16.36
CA LYS A 41 8.06 -1.72 16.91
C LYS A 41 7.11 -2.91 16.77
N THR A 42 7.65 -4.06 16.41
CA THR A 42 6.84 -5.26 16.31
C THR A 42 7.07 -6.10 17.55
N ASP A 43 6.02 -6.77 18.01
CA ASP A 43 6.15 -7.75 19.07
C ASP A 43 6.49 -9.12 18.47
N SER A 44 6.64 -10.12 19.34
CA SER A 44 7.19 -11.39 18.85
C SER A 44 6.24 -12.06 17.87
N GLU A 45 4.92 -11.90 18.05
CA GLU A 45 3.98 -12.50 17.10
C GLU A 45 3.91 -11.72 15.81
N GLN A 46 3.93 -10.39 15.88
CA GLN A 46 4.00 -9.59 14.66
C GLN A 46 5.24 -9.94 13.87
N ASP A 47 6.38 -10.07 14.56
CA ASP A 47 7.62 -10.42 13.88
C ASP A 47 7.57 -11.84 13.33
N ARG A 48 7.05 -12.80 14.11
CA ARG A 48 6.99 -14.18 13.62
C ARG A 48 6.18 -14.26 12.33
N LYS A 49 5.01 -13.63 12.33
CA LYS A 49 4.16 -13.64 11.14
C LYS A 49 4.83 -12.94 9.97
N THR A 50 5.59 -11.86 10.23
CA THR A 50 6.34 -11.20 9.16
C THR A 50 7.36 -12.17 8.54
N GLN A 51 8.13 -12.85 9.40
CA GLN A 51 9.18 -13.71 8.89
C GLN A 51 8.60 -14.91 8.16
N GLU A 52 7.48 -15.45 8.63
CA GLU A 52 6.85 -16.57 7.93
C GLU A 52 6.34 -16.15 6.56
N ALA A 53 5.85 -14.93 6.44
CA ALA A 53 5.45 -14.42 5.13
C ALA A 53 6.64 -14.27 4.19
N MET A 54 7.76 -13.75 4.71
CA MET A 54 8.95 -13.58 3.90
C MET A 54 9.48 -14.93 3.44
N ALA A 55 9.42 -15.94 4.32
CA ALA A 55 9.87 -17.26 3.93
C ALA A 55 8.97 -17.85 2.84
N ALA A 56 7.65 -17.63 2.96
CA ALA A 56 6.74 -18.17 1.96
C ALA A 56 6.96 -17.50 0.62
N SER A 57 7.27 -16.19 0.64
CA SER A 57 7.58 -15.46 -0.57
C SER A 57 8.83 -16.02 -1.23
N LYS A 58 9.89 -16.23 -0.45
CA LYS A 58 11.12 -16.80 -1.00
C LYS A 58 10.87 -18.15 -1.67
N GLN A 59 10.09 -19.02 -1.03
CA GLN A 59 9.81 -20.33 -1.63
C GLN A 59 9.01 -20.20 -2.91
N PHE A 60 8.00 -19.33 -2.93
CA PHE A 60 7.20 -19.14 -4.13
C PHE A 60 8.06 -18.64 -5.29
N CYS A 61 8.96 -17.69 -5.04
CA CYS A 61 9.72 -17.10 -6.14
C CYS A 61 10.69 -18.09 -6.75
N LYS A 62 11.06 -19.15 -6.03
CA LYS A 62 11.91 -20.21 -6.56
C LYS A 62 11.17 -21.13 -7.53
N GLU A 63 9.83 -21.08 -7.57
CA GLU A 63 9.08 -21.90 -8.48
C GLU A 63 9.33 -21.45 -9.92
N PRO A 64 9.13 -22.34 -10.89
CA PRO A 64 9.30 -21.95 -12.29
C PRO A 64 8.31 -20.88 -12.73
N LEU A 65 8.76 -20.08 -13.69
CA LEU A 65 7.92 -19.01 -14.22
C LEU A 65 6.60 -19.55 -14.74
N THR A 66 6.61 -20.72 -15.40
CA THR A 66 5.35 -21.27 -15.89
C THR A 66 4.33 -21.41 -14.77
N PHE A 67 4.76 -21.85 -13.60
CA PHE A 67 3.83 -21.94 -12.47
C PHE A 67 3.44 -20.57 -11.92
N LYS A 68 4.42 -19.69 -11.68
CA LYS A 68 4.12 -18.39 -11.11
C LYS A 68 3.13 -17.63 -12.00
N SER A 69 3.34 -17.69 -13.33
CA SER A 69 2.48 -17.01 -14.29
C SER A 69 1.08 -17.56 -14.32
N SER A 70 0.86 -18.76 -13.82
CA SER A 70 -0.48 -19.33 -13.80
C SER A 70 -1.32 -18.74 -12.67
N CYS A 71 -0.67 -18.07 -11.71
CA CYS A 71 -1.35 -17.55 -10.51
C CYS A 71 -1.85 -16.14 -10.81
N VAL A 72 -2.84 -16.08 -11.70
N VAL A 72 -2.86 -16.09 -11.69
CA VAL A 72 -3.44 -14.84 -12.14
CA VAL A 72 -3.40 -14.83 -12.22
C VAL A 72 -4.95 -15.04 -12.19
C VAL A 72 -4.91 -15.00 -12.43
N SER A 73 -5.66 -13.92 -12.23
CA SER A 73 -7.12 -13.93 -12.32
C SER A 73 -7.58 -12.83 -13.26
N ASP A 74 -8.63 -13.09 -14.06
CA ASP A 74 -9.23 -12.02 -14.84
C ASP A 74 -10.35 -11.27 -14.09
N LEU A 75 -10.56 -11.57 -12.81
CA LEU A 75 -11.56 -10.88 -11.99
C LEU A 75 -10.95 -9.92 -11.00
N THR A 76 -9.82 -10.31 -10.39
CA THR A 76 -9.10 -9.52 -9.40
C THR A 76 -7.67 -9.34 -9.87
N TYR A 77 -7.05 -8.25 -9.43
CA TYR A 77 -5.63 -8.00 -9.66
C TYR A 77 -4.72 -8.85 -8.79
N SER A 78 -5.29 -9.64 -7.88
CA SER A 78 -4.49 -10.51 -7.03
C SER A 78 -3.70 -11.48 -7.89
N GLY A 79 -2.50 -11.81 -7.42
CA GLY A 79 -1.67 -12.77 -8.10
C GLY A 79 -0.37 -12.20 -8.62
N TYR A 80 0.22 -12.93 -9.57
CA TYR A 80 1.60 -12.75 -9.93
C TYR A 80 1.81 -11.59 -10.90
N VAL A 81 2.89 -10.86 -10.67
CA VAL A 81 3.40 -9.83 -11.57
C VAL A 81 4.87 -10.19 -11.84
N ALA A 82 5.21 -10.40 -13.11
CA ALA A 82 6.60 -10.74 -13.42
C ALA A 82 7.51 -9.52 -13.31
N SER A 83 8.80 -9.79 -13.14
CA SER A 83 9.80 -8.73 -13.21
C SER A 83 9.72 -8.08 -14.59
N GLY A 84 9.56 -6.76 -14.61
CA GLY A 84 9.44 -6.03 -15.84
C GLY A 84 8.02 -5.79 -16.33
N GLU A 85 7.02 -6.35 -15.66
CA GLU A 85 5.63 -6.31 -16.12
C GLU A 85 4.91 -5.03 -15.73
N GLU A 86 5.05 -4.59 -14.47
CA GLU A 86 4.35 -3.38 -14.05
C GLU A 86 5.02 -2.17 -14.67
N VAL A 87 4.21 -1.15 -14.95
N VAL A 87 4.22 -1.16 -15.02
CA VAL A 87 4.67 0.12 -15.48
CA VAL A 87 4.76 0.11 -15.48
C VAL A 87 4.42 1.22 -14.45
C VAL A 87 4.44 1.22 -14.47
N THR A 88 5.43 2.06 -14.23
CA THR A 88 5.31 3.27 -13.43
C THR A 88 5.82 4.42 -14.31
N ALA A 89 4.93 5.36 -14.62
CA ALA A 89 5.31 6.55 -15.40
C ALA A 89 6.04 6.17 -16.68
N GLY A 90 5.50 5.17 -17.37
CA GLY A 90 6.01 4.81 -18.66
C GLY A 90 7.24 3.91 -18.68
N LYS A 91 7.74 3.48 -17.52
CA LYS A 91 8.94 2.66 -17.45
C LYS A 91 8.66 1.40 -16.65
N PRO A 92 9.22 0.25 -17.04
CA PRO A 92 8.97 -0.98 -16.29
C PRO A 92 9.64 -0.97 -14.93
N ASP A 93 8.96 -1.57 -13.97
CA ASP A 93 9.51 -1.84 -12.66
C ASP A 93 10.01 -3.29 -12.66
N PHE A 94 11.04 -3.56 -11.86
CA PHE A 94 11.69 -4.86 -11.90
C PHE A 94 11.51 -5.85 -10.75
N PRO A 95 10.66 -5.64 -9.74
CA PRO A 95 10.39 -6.74 -8.82
C PRO A 95 9.46 -7.75 -9.48
N GLU A 96 9.54 -8.98 -8.99
CA GLU A 96 8.40 -9.89 -9.14
C GLU A 96 7.52 -9.71 -7.91
N ILE A 97 6.21 -9.78 -8.12
CA ILE A 97 5.25 -9.43 -7.09
C ILE A 97 4.18 -10.50 -7.01
N PHE A 98 3.67 -10.74 -5.82
CA PHE A 98 2.38 -11.39 -5.65
C PHE A 98 1.47 -10.43 -4.91
N THR A 99 0.38 -10.02 -5.55
CA THR A 99 -0.55 -9.08 -4.96
C THR A 99 -1.68 -9.84 -4.27
N VAL A 100 -1.98 -9.44 -3.04
CA VAL A 100 -3.07 -10.05 -2.28
C VAL A 100 -4.14 -8.99 -2.05
N CYS A 101 -5.24 -9.08 -2.76
CA CYS A 101 -6.41 -8.24 -2.50
C CYS A 101 -7.43 -9.06 -1.72
N LYS A 102 -8.52 -8.40 -1.33
CA LYS A 102 -9.60 -9.06 -0.62
C LYS A 102 -9.97 -10.35 -1.35
N ASP A 103 -10.03 -11.45 -0.59
CA ASP A 103 -10.16 -12.78 -1.17
C ASP A 103 -11.64 -13.17 -1.22
N LEU A 104 -12.27 -12.93 -2.38
CA LEU A 104 -13.71 -13.12 -2.55
C LEU A 104 -13.97 -14.21 -3.58
N SER A 105 -14.69 -15.25 -3.18
CA SER A 105 -15.03 -16.32 -4.10
C SER A 105 -16.15 -15.88 -5.04
N VAL A 106 -16.40 -16.72 -6.04
CA VAL A 106 -17.54 -16.49 -6.94
C VAL A 106 -18.88 -16.61 -6.24
N GLY A 107 -18.93 -17.09 -4.99
CA GLY A 107 -20.15 -17.00 -4.20
C GLY A 107 -20.45 -15.62 -3.63
N ASP A 108 -19.48 -14.72 -3.63
CA ASP A 108 -19.69 -13.39 -3.07
C ASP A 108 -20.60 -12.55 -3.98
N GLN A 109 -21.52 -11.81 -3.36
CA GLN A 109 -22.49 -11.05 -4.15
C GLN A 109 -21.82 -10.01 -5.04
N ARG A 110 -20.71 -9.41 -4.58
CA ARG A 110 -20.05 -8.39 -5.41
C ARG A 110 -19.42 -9.02 -6.63
N VAL A 111 -18.88 -10.23 -6.48
CA VAL A 111 -18.31 -10.95 -7.60
C VAL A 111 -19.41 -11.38 -8.57
N LYS A 112 -20.52 -11.90 -8.04
CA LYS A 112 -21.64 -12.25 -8.90
C LYS A 112 -22.12 -11.04 -9.71
N ALA A 113 -22.09 -9.87 -9.10
CA ALA A 113 -22.55 -8.67 -9.78
C ALA A 113 -21.54 -8.14 -10.78
N GLY A 114 -20.32 -8.68 -10.82
CA GLY A 114 -19.32 -8.23 -11.76
C GLY A 114 -18.58 -6.97 -11.37
N TRP A 115 -18.52 -6.64 -10.09
CA TRP A 115 -17.84 -5.42 -9.72
C TRP A 115 -16.36 -5.51 -10.13
N PRO A 116 -15.78 -4.43 -10.66
CA PRO A 116 -14.36 -4.48 -11.04
C PRO A 116 -13.49 -4.77 -9.84
N CYS A 117 -12.48 -5.59 -10.07
CA CYS A 117 -11.40 -5.89 -9.15
C CYS A 117 -11.78 -6.92 -8.08
N HIS A 118 -13.03 -7.41 -8.05
CA HIS A 118 -13.51 -8.33 -7.03
C HIS A 118 -13.40 -9.77 -7.52
N GLY A 119 -12.67 -10.59 -6.79
CA GLY A 119 -12.51 -11.99 -7.13
C GLY A 119 -11.53 -12.69 -6.20
N PRO A 120 -11.29 -13.97 -6.44
CA PRO A 120 -10.51 -14.76 -5.49
C PRO A 120 -9.02 -14.72 -5.77
N VAL A 121 -8.24 -14.71 -4.69
CA VAL A 121 -6.77 -14.69 -4.83
C VAL A 121 -6.31 -16.01 -5.44
N PRO A 122 -5.48 -15.98 -6.49
CA PRO A 122 -4.95 -17.22 -7.07
C PRO A 122 -3.75 -17.73 -6.29
N TRP A 123 -4.02 -18.18 -5.06
CA TRP A 123 -2.94 -18.54 -4.16
C TRP A 123 -2.08 -19.65 -4.78
N PRO A 124 -0.75 -19.61 -4.60
CA PRO A 124 0.07 -20.70 -5.13
C PRO A 124 -0.13 -22.00 -4.39
N ASN A 125 -0.36 -21.94 -3.08
CA ASN A 125 -0.64 -23.10 -2.26
C ASN A 125 -1.27 -22.62 -0.96
N ASN A 126 -1.78 -23.58 -0.18
CA ASN A 126 -2.54 -23.24 0.99
C ASN A 126 -1.66 -22.78 2.17
N THR A 127 -0.40 -23.22 2.22
N THR A 127 -0.39 -23.19 2.22
CA THR A 127 0.52 -22.70 3.25
CA THR A 127 0.46 -22.67 3.30
C THR A 127 0.79 -21.22 3.02
C THR A 127 0.84 -21.22 3.03
N TYR A 128 1.03 -20.84 1.76
CA TYR A 128 1.22 -19.43 1.42
C TYR A 128 -0.01 -18.62 1.78
N GLN A 129 -1.19 -19.14 1.42
CA GLN A 129 -2.46 -18.52 1.77
C GLN A 129 -2.54 -18.25 3.26
N LYS A 130 -2.34 -19.28 4.09
CA LYS A 130 -2.48 -19.09 5.53
C LYS A 130 -1.47 -18.07 6.06
N SER A 131 -0.23 -18.12 5.56
CA SER A 131 0.80 -17.21 6.06
C SER A 131 0.47 -15.76 5.74
N MET A 132 -0.02 -15.52 4.52
CA MET A 132 -0.33 -14.16 4.14
C MET A 132 -1.60 -13.65 4.83
N LYS A 133 -2.62 -14.50 4.97
CA LYS A 133 -3.85 -14.08 5.66
C LYS A 133 -3.56 -13.69 7.10
N THR A 134 -2.82 -14.52 7.82
N THR A 134 -2.81 -14.50 7.83
CA THR A 134 -2.50 -14.22 9.23
CA THR A 134 -2.56 -14.18 9.24
C THR A 134 -1.70 -12.93 9.33
C THR A 134 -1.67 -12.93 9.37
N PHE A 135 -0.70 -12.76 8.46
CA PHE A 135 0.11 -11.56 8.46
C PHE A 135 -0.74 -10.32 8.19
N MET A 136 -1.62 -10.39 7.19
CA MET A 136 -2.48 -9.26 6.86
C MET A 136 -3.50 -8.96 7.96
N GLU A 137 -3.96 -9.97 8.69
CA GLU A 137 -4.84 -9.68 9.81
C GLU A 137 -4.11 -8.87 10.89
N GLU A 138 -2.86 -9.23 11.16
CA GLU A 138 -2.08 -8.48 12.13
C GLU A 138 -1.77 -7.08 11.62
N LEU A 139 -1.43 -6.96 10.34
CA LEU A 139 -1.18 -5.64 9.76
C LEU A 139 -2.43 -4.77 9.87
N GLY A 140 -3.59 -5.37 9.68
CA GLY A 140 -4.83 -4.62 9.77
C GLY A 140 -5.10 -4.11 11.18
N LEU A 141 -4.78 -4.92 12.20
CA LEU A 141 -4.95 -4.45 13.56
C LEU A 141 -4.08 -3.23 13.80
N ALA A 142 -2.87 -3.24 13.26
CA ALA A 142 -1.99 -2.09 13.41
C ALA A 142 -2.52 -0.89 12.65
N GLY A 143 -3.03 -1.11 11.43
CA GLY A 143 -3.62 -0.03 10.66
C GLY A 143 -4.76 0.67 11.39
N GLU A 144 -5.64 -0.12 12.02
CA GLU A 144 -6.74 0.46 12.76
C GLU A 144 -6.24 1.28 13.95
N ARG A 145 -5.26 0.75 14.70
CA ARG A 145 -4.66 1.52 15.78
C ARG A 145 -4.14 2.86 15.27
N LEU A 146 -3.38 2.81 14.17
CA LEU A 146 -2.78 4.00 13.61
C LEU A 146 -3.83 5.03 13.20
N LEU A 147 -4.95 4.57 12.61
CA LEU A 147 -6.00 5.50 12.18
C LEU A 147 -6.70 6.14 13.37
N LYS A 148 -6.92 5.39 14.45
CA LYS A 148 -7.50 5.97 15.66
C LYS A 148 -6.55 7.00 16.26
N LEU A 149 -5.26 6.69 16.30
CA LEU A 149 -4.28 7.62 16.85
C LEU A 149 -4.17 8.88 15.99
N THR A 150 -4.25 8.74 14.67
CA THR A 150 -4.16 9.89 13.78
C THR A 150 -5.34 10.83 13.98
N ALA A 151 -6.55 10.26 14.07
CA ALA A 151 -7.71 11.08 14.34
C ALA A 151 -7.56 11.84 15.66
N LEU A 152 -7.16 11.12 16.71
CA LEU A 152 -6.96 11.79 18.01
C LEU A 152 -5.93 12.92 17.92
N GLY A 153 -4.84 12.72 17.21
CA GLY A 153 -3.80 13.72 17.10
C GLY A 153 -4.26 14.99 16.39
N PHE A 154 -5.26 14.87 15.51
CA PHE A 154 -5.88 16.01 14.84
C PHE A 154 -7.10 16.55 15.58
N GLU A 155 -7.36 16.07 16.80
CA GLU A 155 -8.50 16.53 17.60
C GLU A 155 -9.83 16.21 16.91
N LEU A 156 -9.87 15.10 16.22
CA LEU A 156 -11.07 14.62 15.57
C LEU A 156 -11.65 13.45 16.33
N PRO A 157 -12.92 13.13 16.14
CA PRO A 157 -13.46 11.91 16.75
C PRO A 157 -12.63 10.70 16.39
N ILE A 158 -12.45 9.82 17.39
CA ILE A 158 -11.57 8.65 17.24
C ILE A 158 -11.94 7.80 16.02
N ASN A 159 -13.22 7.81 15.64
CA ASN A 159 -13.77 6.99 14.56
C ASN A 159 -13.71 7.65 13.19
N THR A 160 -13.04 8.81 13.05
CA THR A 160 -13.11 9.58 11.81
C THR A 160 -12.61 8.77 10.60
N PHE A 161 -11.43 8.16 10.71
CA PHE A 161 -10.89 7.41 9.59
C PHE A 161 -11.37 5.96 9.57
N THR A 162 -11.49 5.34 10.74
CA THR A 162 -12.00 3.97 10.79
C THR A 162 -13.43 3.86 10.27
N ASP A 163 -14.22 4.93 10.31
CA ASP A 163 -15.57 4.88 9.73
C ASP A 163 -15.53 4.68 8.21
N LEU A 164 -14.36 4.84 7.57
CA LEU A 164 -14.19 4.54 6.15
C LEU A 164 -13.62 3.15 5.84
N THR A 165 -13.10 2.44 6.85
CA THR A 165 -12.32 1.24 6.62
C THR A 165 -13.01 -0.05 7.04
N ARG A 166 -14.28 -0.02 7.37
CA ARG A 166 -15.00 -1.28 7.62
C ARG A 166 -15.06 -2.06 6.32
N ASP A 167 -14.70 -3.35 6.40
CA ASP A 167 -14.50 -4.18 5.23
C ASP A 167 -13.61 -3.48 4.21
N GLY A 168 -12.58 -2.80 4.72
CA GLY A 168 -11.71 -2.01 3.87
C GLY A 168 -11.03 -2.85 2.80
N TRP A 169 -10.65 -2.17 1.72
CA TRP A 169 -10.05 -2.82 0.54
C TRP A 169 -8.55 -3.04 0.78
N HIS A 170 -8.21 -3.61 1.93
CA HIS A 170 -6.81 -3.78 2.28
C HIS A 170 -6.17 -4.74 1.30
N HIS A 171 -4.90 -4.50 1.01
CA HIS A 171 -4.18 -5.37 0.11
C HIS A 171 -2.70 -5.30 0.40
N MET A 172 -1.96 -6.20 -0.23
CA MET A 172 -0.52 -6.30 0.03
C MET A 172 0.22 -6.72 -1.23
N ARG A 173 1.40 -6.13 -1.42
CA ARG A 173 2.35 -6.49 -2.47
C ARG A 173 3.49 -7.27 -1.82
N VAL A 174 3.67 -8.52 -2.23
CA VAL A 174 4.72 -9.39 -1.71
C VAL A 174 5.81 -9.42 -2.76
N LEU A 175 6.93 -8.76 -2.46
CA LEU A 175 7.89 -8.36 -3.49
C LEU A 175 9.23 -9.10 -3.35
N ARG A 176 9.80 -9.47 -4.49
CA ARG A 176 11.22 -9.82 -4.58
C ARG A 176 11.87 -8.95 -5.64
N PHE A 177 12.89 -8.20 -5.24
CA PHE A 177 13.69 -7.43 -6.17
C PHE A 177 14.93 -8.21 -6.56
N PRO A 178 15.24 -8.34 -7.85
CA PRO A 178 16.48 -9.02 -8.24
C PRO A 178 17.69 -8.17 -7.87
N PRO A 179 18.88 -8.76 -7.85
CA PRO A 179 20.09 -7.95 -7.72
C PRO A 179 20.30 -7.16 -9.00
N GLN A 180 20.98 -6.02 -8.88
CA GLN A 180 21.35 -5.30 -10.09
C GLN A 180 22.33 -6.17 -10.88
N THR A 181 22.04 -6.33 -12.18
CA THR A 181 22.82 -7.16 -13.10
C THR A 181 23.30 -6.38 -14.32
N SER A 182 22.50 -5.44 -14.80
CA SER A 182 22.92 -4.53 -15.84
C SER A 182 23.33 -3.21 -15.18
N THR A 183 23.51 -2.17 -15.98
CA THR A 183 23.72 -0.84 -15.42
C THR A 183 22.42 -0.22 -14.94
N LEU A 184 21.30 -0.91 -15.11
CA LEU A 184 20.02 -0.48 -14.56
C LEU A 184 19.95 -0.82 -13.08
N SER A 185 19.65 0.19 -12.26
CA SER A 185 19.44 -0.01 -10.83
C SER A 185 18.02 0.31 -10.39
N ARG A 186 17.10 0.51 -11.31
N ARG A 186 17.10 0.55 -11.32
CA ARG A 186 15.73 0.84 -10.96
CA ARG A 186 15.73 0.88 -10.93
C ARG A 186 14.98 -0.40 -10.50
C ARG A 186 14.96 -0.38 -10.50
N GLY A 187 14.42 -0.33 -9.30
CA GLY A 187 13.51 -1.36 -8.83
C GLY A 187 12.10 -0.93 -9.14
N ILE A 188 11.63 0.11 -8.44
CA ILE A 188 10.37 0.76 -8.75
C ILE A 188 10.63 2.25 -8.90
N GLY A 189 9.98 2.86 -9.90
CA GLY A 189 10.05 4.30 -10.06
C GLY A 189 9.39 5.03 -8.88
N ALA A 190 9.65 6.33 -8.83
CA ALA A 190 9.04 7.17 -7.82
C ALA A 190 7.52 7.14 -7.96
N HIS A 191 6.82 7.07 -6.83
CA HIS A 191 5.36 7.05 -6.84
C HIS A 191 4.86 7.28 -5.42
N THR A 192 3.55 7.49 -5.30
CA THR A 192 2.84 7.37 -4.05
C THR A 192 1.83 6.24 -4.15
N ASP A 193 1.44 5.69 -3.00
CA ASP A 193 0.34 4.72 -2.97
C ASP A 193 -0.96 5.39 -2.57
N TYR A 194 -2.06 4.60 -2.58
CA TYR A 194 -3.35 5.13 -2.98
C TYR A 194 -4.37 5.28 -1.87
N GLY A 195 -4.13 4.67 -0.70
CA GLY A 195 -5.14 4.60 0.35
C GLY A 195 -4.84 5.44 1.55
N LEU A 196 -5.11 4.90 2.74
CA LEU A 196 -4.88 5.67 3.94
C LEU A 196 -3.46 5.50 4.45
N LEU A 197 -3.01 4.26 4.65
CA LEU A 197 -1.69 4.00 5.18
C LEU A 197 -0.97 2.93 4.38
N VAL A 198 0.34 3.04 4.39
CA VAL A 198 1.23 2.01 3.87
C VAL A 198 2.07 1.52 5.04
N ILE A 199 1.98 0.23 5.33
CA ILE A 199 2.74 -0.40 6.41
C ILE A 199 3.62 -1.43 5.73
N ALA A 200 4.92 -1.33 5.93
CA ALA A 200 5.83 -2.15 5.14
C ALA A 200 6.88 -2.83 6.00
N ALA A 201 7.32 -3.97 5.50
CA ALA A 201 8.40 -4.74 6.10
C ALA A 201 9.42 -5.05 5.03
N GLN A 202 10.67 -5.20 5.46
CA GLN A 202 11.74 -5.53 4.53
C GLN A 202 12.79 -6.38 5.24
N ASP A 203 13.57 -7.10 4.44
CA ASP A 203 14.70 -7.85 4.97
C ASP A 203 15.89 -6.94 5.19
N ASP A 204 17.07 -7.53 5.35
CA ASP A 204 18.26 -6.80 5.78
C ASP A 204 19.01 -6.14 4.63
N VAL A 205 18.53 -6.27 3.40
CA VAL A 205 19.35 -5.92 2.23
C VAL A 205 19.38 -4.41 1.97
N GLY A 206 18.22 -3.77 1.91
CA GLY A 206 18.15 -2.33 1.70
C GLY A 206 17.89 -1.92 0.26
N GLY A 207 17.06 -0.90 0.09
CA GLY A 207 16.77 -0.38 -1.24
C GLY A 207 15.66 0.65 -1.34
N LEU A 208 14.89 0.82 -0.26
CA LEU A 208 13.75 1.73 -0.26
C LEU A 208 14.18 3.15 0.13
N TYR A 209 13.77 4.13 -0.68
CA TYR A 209 13.98 5.54 -0.41
C TYR A 209 12.63 6.24 -0.37
N ILE A 210 12.49 7.20 0.55
CA ILE A 210 11.26 7.96 0.67
C ILE A 210 11.60 9.45 0.65
N ARG A 211 10.64 10.26 0.21
CA ARG A 211 10.83 11.69 0.10
C ARG A 211 10.09 12.36 1.24
N PRO A 212 10.77 13.05 2.16
CA PRO A 212 10.08 13.79 3.21
C PRO A 212 9.36 15.01 2.66
N PRO A 213 8.47 15.62 3.45
CA PRO A 213 7.89 16.88 3.03
C PRO A 213 9.01 17.90 2.78
N VAL A 214 8.82 18.71 1.75
CA VAL A 214 9.79 19.71 1.33
C VAL A 214 9.07 21.06 1.32
N GLU A 215 9.55 21.99 2.14
CA GLU A 215 8.93 23.32 2.21
C GLU A 215 8.95 23.98 0.84
N GLY A 216 7.78 24.43 0.38
CA GLY A 216 7.68 25.13 -0.88
C GLY A 216 7.50 24.26 -2.09
N GLU A 217 7.57 22.95 -1.94
CA GLU A 217 7.44 22.03 -3.06
C GLU A 217 5.98 21.68 -3.30
N LYS A 218 5.48 21.98 -4.51
CA LYS A 218 4.14 21.55 -4.90
C LYS A 218 4.09 20.04 -5.02
N ARG A 219 3.06 19.44 -4.42
CA ARG A 219 2.85 18.00 -4.51
C ARG A 219 1.59 17.72 -5.32
N ASN A 220 1.76 16.92 -6.35
CA ASN A 220 0.62 16.48 -7.14
C ASN A 220 -0.35 15.68 -6.29
N ARG A 221 -1.62 15.78 -6.66
CA ARG A 221 -2.71 15.07 -6.01
C ARG A 221 -3.07 13.90 -6.91
N ASN A 222 -2.49 12.72 -6.59
CA ASN A 222 -2.51 11.56 -7.48
C ASN A 222 -3.89 11.00 -7.68
N TRP A 223 -4.88 11.47 -6.91
CA TRP A 223 -6.25 11.08 -7.17
C TRP A 223 -6.86 11.83 -8.35
N LEU A 224 -6.19 12.86 -8.87
CA LEU A 224 -6.68 13.59 -10.02
C LEU A 224 -6.00 13.06 -11.26
N PRO A 225 -6.72 12.79 -12.35
CA PRO A 225 -6.05 12.26 -13.55
C PRO A 225 -4.96 13.19 -14.10
N GLY A 226 -5.13 14.50 -13.93
CA GLY A 226 -4.12 15.43 -14.41
C GLY A 226 -3.00 15.75 -13.43
N GLU A 227 -2.89 15.01 -12.31
CA GLU A 227 -1.81 15.23 -11.34
C GLU A 227 -1.24 13.89 -10.85
N SER A 228 -0.84 13.00 -11.75
CA SER A 228 -0.20 11.77 -11.29
C SER A 228 1.05 12.06 -10.47
N SER A 229 1.25 11.29 -9.41
CA SER A 229 2.51 11.35 -8.67
C SER A 229 3.55 10.37 -9.20
N ALA A 230 3.16 9.48 -10.11
CA ALA A 230 4.15 8.52 -10.60
C ALA A 230 5.19 9.24 -11.43
N GLY A 231 6.46 8.89 -11.22
CA GLY A 231 7.52 9.47 -12.01
C GLY A 231 7.89 10.88 -11.64
N MET A 232 7.47 11.36 -10.47
CA MET A 232 7.82 12.70 -10.00
C MET A 232 8.97 12.65 -9.00
N PHE A 233 9.97 13.50 -9.23
CA PHE A 233 11.10 13.77 -8.34
C PHE A 233 12.14 12.65 -8.33
N GLU A 234 12.08 11.72 -9.26
CA GLU A 234 12.94 10.54 -9.22
C GLU A 234 14.39 10.88 -8.93
N HIS A 235 14.96 11.84 -9.64
CA HIS A 235 16.39 12.15 -9.56
C HIS A 235 16.70 13.36 -8.68
N ASP A 236 15.69 13.98 -8.12
CA ASP A 236 15.85 15.25 -7.43
C ASP A 236 15.91 15.03 -5.93
N GLU A 237 16.85 15.69 -5.29
CA GLU A 237 16.91 15.69 -3.83
C GLU A 237 15.66 16.34 -3.24
N PRO A 238 15.28 15.96 -1.99
CA PRO A 238 15.92 14.98 -1.11
C PRO A 238 15.27 13.61 -1.13
N TRP A 239 16.07 12.58 -0.87
CA TRP A 239 15.58 11.21 -0.67
C TRP A 239 16.23 10.63 0.57
N THR A 240 15.41 10.07 1.44
CA THR A 240 15.85 9.46 2.69
C THR A 240 15.94 7.95 2.51
N PHE A 241 17.11 7.38 2.81
CA PHE A 241 17.27 5.93 2.74
C PHE A 241 16.63 5.28 3.96
N VAL A 242 15.76 4.30 3.72
CA VAL A 242 15.10 3.60 4.83
C VAL A 242 16.00 2.44 5.23
N THR A 243 16.97 2.74 6.11
CA THR A 243 17.90 1.76 6.64
C THR A 243 17.15 0.55 7.18
N PRO A 244 17.46 -0.66 6.73
CA PRO A 244 16.87 -1.86 7.34
C PRO A 244 17.19 -1.93 8.84
N THR A 245 16.15 -2.14 9.62
CA THR A 245 16.20 -2.17 11.07
C THR A 245 15.41 -3.40 11.52
N PRO A 246 15.99 -4.32 12.29
CA PRO A 246 15.21 -5.49 12.73
C PRO A 246 14.06 -5.07 13.63
N GLY A 247 12.97 -5.85 13.56
CA GLY A 247 11.88 -5.71 14.50
C GLY A 247 11.03 -4.46 14.38
N VAL A 248 10.87 -3.94 13.16
CA VAL A 248 10.01 -2.80 12.90
C VAL A 248 9.25 -3.00 11.60
N TRP A 249 8.12 -2.31 11.51
CA TRP A 249 7.45 -2.03 10.24
C TRP A 249 7.52 -0.53 10.03
N THR A 250 7.55 -0.11 8.77
CA THR A 250 7.49 1.32 8.50
C THR A 250 6.05 1.70 8.18
N VAL A 251 5.73 2.97 8.38
CA VAL A 251 4.39 3.50 8.15
C VAL A 251 4.48 4.87 7.49
N PHE A 252 3.74 5.07 6.38
CA PHE A 252 3.63 6.39 5.80
C PHE A 252 2.26 6.58 5.17
N PRO A 253 1.84 7.83 4.96
CA PRO A 253 0.50 8.08 4.42
C PRO A 253 0.39 7.76 2.94
N GLY A 254 -0.83 7.39 2.53
CA GLY A 254 -1.21 7.30 1.14
C GLY A 254 -2.07 8.48 0.69
N ASP A 255 -2.57 8.35 -0.55
CA ASP A 255 -3.23 9.48 -1.22
C ASP A 255 -4.47 9.92 -0.47
N ILE A 256 -5.25 8.98 0.08
CA ILE A 256 -6.49 9.38 0.74
C ILE A 256 -6.20 10.23 1.96
N LEU A 257 -5.14 9.89 2.71
CA LEU A 257 -4.81 10.68 3.89
C LEU A 257 -4.39 12.09 3.50
N GLN A 258 -3.66 12.22 2.38
CA GLN A 258 -3.31 13.58 1.92
C GLN A 258 -4.56 14.36 1.56
N PHE A 259 -5.49 13.73 0.84
CA PHE A 259 -6.71 14.42 0.44
C PHE A 259 -7.54 14.84 1.65
N MET A 260 -7.77 13.89 2.56
CA MET A 260 -8.68 14.17 3.67
C MET A 260 -8.13 15.26 4.58
N THR A 261 -6.80 15.29 4.77
CA THR A 261 -6.17 16.30 5.63
C THR A 261 -5.78 17.57 4.88
N GLY A 262 -6.17 17.70 3.61
CA GLY A 262 -5.87 18.90 2.86
C GLY A 262 -4.39 19.17 2.72
N GLY A 263 -3.57 18.12 2.67
CA GLY A 263 -2.15 18.29 2.59
C GLY A 263 -1.44 18.51 3.91
N GLN A 264 -2.13 18.51 5.05
CA GLN A 264 -1.42 18.58 6.32
C GLN A 264 -0.51 17.36 6.48
N LEU A 265 -0.99 16.22 6.00
CA LEU A 265 -0.16 15.07 5.73
C LEU A 265 -0.03 14.91 4.21
N LEU A 266 1.12 14.43 3.78
CA LEU A 266 1.37 14.19 2.37
C LEU A 266 1.54 12.69 2.11
N SER A 267 0.99 12.24 0.99
CA SER A 267 1.23 10.89 0.52
C SER A 267 2.71 10.76 0.18
N THR A 268 3.44 9.88 0.86
CA THR A 268 4.90 9.94 0.81
C THR A 268 5.41 9.37 -0.51
N PRO A 269 6.10 10.17 -1.33
CA PRO A 269 6.72 9.60 -2.53
C PRO A 269 7.83 8.66 -2.14
N HIS A 270 7.99 7.58 -2.91
CA HIS A 270 9.01 6.61 -2.60
C HIS A 270 9.39 5.85 -3.86
N LYS A 271 10.56 5.20 -3.78
CA LYS A 271 11.12 4.49 -4.91
C LYS A 271 12.00 3.39 -4.34
N VAL A 272 12.35 2.43 -5.20
CA VAL A 272 13.21 1.34 -4.78
C VAL A 272 14.35 1.19 -5.77
N LYS A 273 15.57 1.05 -5.24
CA LYS A 273 16.77 0.80 -6.02
C LYS A 273 17.20 -0.65 -5.80
N LEU A 274 17.64 -1.29 -6.88
CA LEU A 274 18.20 -2.62 -6.79
C LEU A 274 19.54 -2.58 -6.07
N ASN A 275 19.76 -3.55 -5.19
CA ASN A 275 21.00 -3.72 -4.47
C ASN A 275 21.82 -4.84 -5.13
N THR A 276 22.99 -5.12 -4.54
CA THR A 276 23.85 -6.16 -5.06
C THR A 276 23.32 -7.55 -4.76
N ARG A 277 22.36 -7.68 -3.85
CA ARG A 277 21.68 -8.93 -3.55
C ARG A 277 20.18 -8.74 -3.79
N GLU A 278 19.49 -9.85 -4.05
CA GLU A 278 18.04 -9.82 -4.07
C GLU A 278 17.49 -9.32 -2.74
N ARG A 279 16.32 -8.68 -2.80
CA ARG A 279 15.70 -8.05 -1.65
C ARG A 279 14.24 -8.45 -1.57
N PHE A 280 13.85 -8.94 -0.40
CA PHE A 280 12.46 -9.26 -0.12
C PHE A 280 11.81 -8.16 0.71
N ALA A 281 10.59 -7.81 0.33
CA ALA A 281 9.82 -6.82 1.07
C ALA A 281 8.34 -7.16 0.95
N CYS A 282 7.56 -6.69 1.93
CA CYS A 282 6.11 -6.75 1.86
C CYS A 282 5.57 -5.37 2.15
N ALA A 283 4.74 -4.86 1.26
CA ALA A 283 4.10 -3.56 1.45
C ALA A 283 2.60 -3.77 1.56
N TYR A 284 2.03 -3.30 2.64
CA TYR A 284 0.62 -3.48 2.98
C TYR A 284 -0.10 -2.15 2.92
N PHE A 285 -1.30 -2.17 2.39
CA PHE A 285 -2.10 -0.98 2.11
C PHE A 285 -3.37 -1.09 2.93
N HIS A 286 -3.51 -0.19 3.91
CA HIS A 286 -4.70 -0.10 4.74
C HIS A 286 -5.63 0.93 4.12
N GLU A 287 -6.71 0.47 3.52
CA GLU A 287 -7.50 1.22 2.58
C GLU A 287 -8.93 1.43 3.08
N PRO A 288 -9.60 2.48 2.59
CA PRO A 288 -11.06 2.55 2.71
C PRO A 288 -11.73 1.34 2.09
N ASN A 289 -12.99 1.17 2.47
CA ASN A 289 -13.89 0.30 1.74
C ASN A 289 -13.94 0.74 0.27
N PHE A 290 -14.05 -0.25 -0.62
CA PHE A 290 -14.15 0.01 -2.05
C PHE A 290 -15.24 1.03 -2.36
N GLU A 291 -16.32 1.03 -1.57
CA GLU A 291 -17.46 1.94 -1.77
C GLU A 291 -17.36 3.24 -1.01
N ALA A 292 -16.33 3.43 -0.21
CA ALA A 292 -16.26 4.64 0.62
C ALA A 292 -15.89 5.86 -0.20
N SER A 293 -16.47 6.99 0.17
N SER A 293 -16.39 7.01 0.26
CA SER A 293 -16.10 8.25 -0.41
CA SER A 293 -16.21 8.31 -0.39
C SER A 293 -15.40 9.08 0.66
C SER A 293 -15.46 9.22 0.58
N ALA A 294 -14.15 9.40 0.40
CA ALA A 294 -13.38 10.27 1.26
C ALA A 294 -13.76 11.73 0.98
N TYR A 295 -13.62 12.56 2.00
CA TYR A 295 -14.03 13.95 1.99
C TYR A 295 -13.01 14.78 2.77
N PRO A 296 -12.87 16.07 2.45
CA PRO A 296 -11.92 16.91 3.20
C PRO A 296 -12.43 17.20 4.60
N LEU A 297 -11.56 16.96 5.58
CA LEU A 297 -11.92 17.13 6.98
C LEU A 297 -11.87 18.58 7.43
N PHE A 298 -10.97 19.36 6.85
CA PHE A 298 -10.70 20.69 7.36
C PHE A 298 -11.27 21.77 6.45
N GLU A 299 -12.09 21.39 5.48
CA GLU A 299 -12.69 22.31 4.50
C GLU A 299 -14.13 21.88 4.28
N PRO A 300 -14.98 21.95 5.32
CA PRO A 300 -16.37 21.48 5.19
C PRO A 300 -17.22 22.21 4.16
N SER A 301 -16.74 23.30 3.55
CA SER A 301 -17.46 23.86 2.41
C SER A 301 -17.21 23.06 1.13
N ALA A 302 -16.17 22.22 1.12
CA ALA A 302 -15.68 21.64 -0.13
C ALA A 302 -16.54 20.47 -0.56
N ASN A 303 -16.91 20.46 -1.84
CA ASN A 303 -17.70 19.38 -2.40
C ASN A 303 -16.86 18.26 -2.98
N GLU A 304 -15.54 18.42 -3.06
CA GLU A 304 -14.70 17.39 -3.64
C GLU A 304 -14.78 16.11 -2.81
N ARG A 305 -14.73 14.99 -3.50
CA ARG A 305 -14.72 13.67 -2.88
C ARG A 305 -13.78 12.78 -3.67
N ILE A 306 -13.32 11.71 -3.03
CA ILE A 306 -12.63 10.62 -3.72
C ILE A 306 -13.43 9.37 -3.46
N HIS A 307 -13.94 8.77 -4.52
CA HIS A 307 -14.51 7.43 -4.44
C HIS A 307 -13.33 6.45 -4.46
N TYR A 308 -13.11 5.74 -3.34
CA TYR A 308 -11.86 5.00 -3.21
C TYR A 308 -11.76 3.87 -4.25
N GLY A 309 -12.83 3.10 -4.45
CA GLY A 309 -12.78 2.00 -5.40
C GLY A 309 -12.43 2.47 -6.79
N GLU A 310 -12.98 3.63 -7.18
CA GLU A 310 -12.66 4.21 -8.48
C GLU A 310 -11.18 4.54 -8.57
N HIS A 311 -10.62 5.11 -7.49
CA HIS A 311 -9.18 5.41 -7.48
C HIS A 311 -8.34 4.14 -7.57
N PHE A 312 -8.63 3.14 -6.74
CA PHE A 312 -7.92 1.86 -6.85
C PHE A 312 -7.99 1.31 -8.27
N THR A 313 -9.18 1.29 -8.85
CA THR A 313 -9.35 0.67 -10.15
C THR A 313 -8.58 1.44 -11.21
N ASN A 314 -8.68 2.77 -11.18
CA ASN A 314 -7.92 3.60 -12.11
C ASN A 314 -6.42 3.31 -12.01
N MET A 315 -5.92 3.21 -10.77
CA MET A 315 -4.50 3.00 -10.58
C MET A 315 -4.06 1.62 -11.06
N PHE A 316 -4.79 0.57 -10.68
CA PHE A 316 -4.36 -0.76 -11.10
C PHE A 316 -4.48 -0.96 -12.61
N MET A 317 -5.45 -0.30 -13.26
CA MET A 317 -5.51 -0.36 -14.73
C MET A 317 -4.28 0.30 -15.35
N ARG A 318 -3.80 1.40 -14.76
CA ARG A 318 -2.62 2.06 -15.31
C ARG A 318 -1.34 1.29 -15.02
N CYS A 319 -1.31 0.56 -13.89
CA CYS A 319 -0.15 -0.28 -13.57
C CYS A 319 -0.01 -1.43 -14.54
N TYR A 320 -1.15 -2.01 -14.94
CA TYR A 320 -1.19 -3.30 -15.63
C TYR A 320 -2.08 -3.19 -16.86
N PRO A 321 -1.72 -2.34 -17.83
CA PRO A 321 -2.64 -2.08 -18.95
C PRO A 321 -2.95 -3.29 -19.80
N ASP A 322 -2.08 -4.29 -19.83
CA ASP A 322 -2.28 -5.45 -20.68
C ASP A 322 -2.69 -6.70 -19.91
N ARG A 323 -2.90 -6.60 -18.61
CA ARG A 323 -3.23 -7.78 -17.83
C ARG A 323 -4.64 -8.27 -18.19
N ILE A 324 -4.86 -9.60 -18.08
CA ILE A 324 -6.20 -10.13 -18.35
C ILE A 324 -7.26 -9.45 -17.49
N THR A 325 -6.91 -9.05 -16.27
CA THR A 325 -7.88 -8.34 -15.41
C THR A 325 -8.36 -7.06 -16.07
N THR A 326 -7.41 -6.28 -16.60
CA THR A 326 -7.75 -5.00 -17.23
C THR A 326 -8.55 -5.23 -18.51
N GLN A 327 -8.12 -6.21 -19.31
CA GLN A 327 -8.83 -6.53 -20.55
C GLN A 327 -10.29 -6.86 -20.27
N ARG A 328 -10.55 -7.61 -19.19
CA ARG A 328 -11.93 -8.01 -18.89
C ARG A 328 -12.75 -6.84 -18.34
N ILE A 329 -12.14 -5.93 -17.58
CA ILE A 329 -12.85 -4.71 -17.17
C ILE A 329 -13.33 -3.96 -18.40
N ASN A 330 -12.44 -3.78 -19.39
CA ASN A 330 -12.80 -3.05 -20.61
C ASN A 330 -13.82 -3.82 -21.42
N LYS A 331 -13.62 -5.13 -21.58
CA LYS A 331 -14.52 -5.94 -22.38
C LYS A 331 -15.96 -5.89 -21.85
N GLU A 332 -16.14 -6.02 -20.54
CA GLU A 332 -17.46 -6.12 -19.94
C GLU A 332 -17.97 -4.79 -19.41
N ASN A 333 -17.26 -3.71 -19.67
CA ASN A 333 -17.67 -2.37 -19.23
C ASN A 333 -17.86 -2.34 -17.72
N ARG A 334 -16.93 -2.94 -16.98
CA ARG A 334 -17.11 -3.04 -15.54
C ARG A 334 -16.97 -1.69 -14.84
N LEU A 335 -16.39 -0.69 -15.49
CA LEU A 335 -16.35 0.62 -14.85
C LEU A 335 -17.75 1.21 -14.68
N ALA A 336 -18.76 0.70 -15.41
CA ALA A 336 -20.11 1.21 -15.25
C ALA A 336 -20.64 0.96 -13.85
N HIS A 337 -20.20 -0.12 -13.19
CA HIS A 337 -20.59 -0.34 -11.80
C HIS A 337 -20.14 0.80 -10.92
N LEU A 338 -18.96 1.35 -11.18
CA LEU A 338 -18.47 2.47 -10.40
C LEU A 338 -19.38 3.66 -10.58
N GLU A 339 -19.86 3.89 -11.79
CA GLU A 339 -20.75 5.03 -11.99
C GLU A 339 -22.04 4.85 -11.21
N ASP A 340 -22.58 3.63 -11.15
CA ASP A 340 -23.79 3.39 -10.37
C ASP A 340 -23.53 3.57 -8.88
N LEU A 341 -22.43 3.03 -8.37
CA LEU A 341 -22.14 3.16 -6.94
C LEU A 341 -22.00 4.62 -6.53
N LYS A 342 -21.36 5.43 -7.36
CA LYS A 342 -21.24 6.87 -7.08
C LYS A 342 -22.59 7.57 -6.99
N LYS A 343 -23.68 6.90 -7.39
CA LYS A 343 -25.03 7.37 -7.08
C LYS A 343 -25.58 6.67 -5.83
#